data_7AJW
#
_entry.id   7AJW
#
_cell.length_a   81.959
_cell.length_b   81.959
_cell.length_c   123.892
_cell.angle_alpha   90.000
_cell.angle_beta   90.000
_cell.angle_gamma   90.000
#
_symmetry.space_group_name_H-M   'P 43 21 2'
#
loop_
_entity.id
_entity.type
_entity.pdbx_description
1 polymer 'Dual specificity tyrosine-phosphorylation-regulated kinase 1A'
2 non-polymer 4-[2-methyl-3-(2-phenoxyethyl)imidazo[4,5-b]pyridin-5-yl]pyridine-2,6-diamine
3 non-polymer 'CHLORIDE ION'
4 water water
#
_entity_poly.entity_id   1
_entity_poly.type   'polypeptide(L)'
_entity_poly.pdbx_seq_one_letter_code
;MGSSHHHHHHSSGLVPRG(SEP)HMIVKNGEKWMDRYEIDSLIGKGSFGQVVKAYDRVEQEWVAIKIIKNKKAFLNQAQI
EVRLLELMNKHDTEMKYYIVHLKRHFMFRNHLCLVFEMLSYNLYDLLRNTNFRGVSLNLTRKFAQQMCTALLFLATPELS
IIHCDLKPENILLCNPKRSAIKIVDFGSSCQLGQRIYQ(PTR)IQSRFYRSPEVLLGMPYDLAIDMWSLGCILVEMHTGE
PLFSGANEVDQMNKIVEVLGIPPAHILDQAPKARKFFEKLPDGTWNLKKTKDGKREYKPPGTRKLHNILGVETGGPGGRR
AGESGHTVADYLKFKDLILRMLDYDPKTRIQPYYALQHSFFKKTADE
;
_entity_poly.pdbx_strand_id   A
#
loop_
_chem_comp.id
_chem_comp.type
_chem_comp.name
_chem_comp.formula
CL non-polymer 'CHLORIDE ION' 'Cl -1'
RKQ non-polymer 4-[2-methyl-3-(2-phenoxyethyl)imidazo[4,5-b]pyridin-5-yl]pyridine-2,6-diamine 'C20 H20 N6 O'
#
# COMPACT_ATOMS: atom_id res chain seq x y z
N VAL A 23 -2.64 -16.71 24.47
CA VAL A 23 -4.10 -16.98 24.25
C VAL A 23 -4.26 -18.40 23.70
N LYS A 24 -4.99 -19.25 24.43
CA LYS A 24 -5.13 -20.73 24.20
C LYS A 24 -5.93 -21.00 22.92
N ASN A 25 -5.72 -22.18 22.33
CA ASN A 25 -6.34 -22.62 21.04
C ASN A 25 -7.56 -23.52 21.34
N GLY A 26 -8.36 -23.12 22.35
CA GLY A 26 -9.67 -23.73 22.66
C GLY A 26 -10.52 -22.86 23.56
N GLU A 27 -10.01 -21.68 23.97
CA GLU A 27 -10.66 -20.71 24.90
C GLU A 27 -12.05 -20.28 24.40
N LYS A 28 -12.96 -19.99 25.32
CA LYS A 28 -14.32 -19.44 25.04
C LYS A 28 -14.42 -18.04 25.68
N TRP A 29 -14.98 -17.06 24.95
CA TRP A 29 -15.16 -15.62 25.32
C TRP A 29 -16.64 -15.25 25.30
N MET A 30 -17.17 -14.71 26.40
CA MET A 30 -18.44 -13.95 26.44
C MET A 30 -19.60 -14.81 25.89
N ASP A 31 -19.56 -16.12 26.14
CA ASP A 31 -20.53 -17.14 25.62
C ASP A 31 -20.77 -16.91 24.12
N ARG A 32 -19.75 -16.44 23.36
CA ARG A 32 -19.94 -16.01 21.94
C ARG A 32 -18.82 -16.53 21.03
N TYR A 33 -17.54 -16.32 21.37
CA TYR A 33 -16.41 -16.64 20.45
C TYR A 33 -15.59 -17.82 20.96
N GLU A 34 -15.22 -18.76 20.09
CA GLU A 34 -14.33 -19.89 20.43
C GLU A 34 -13.04 -19.70 19.63
N ILE A 35 -11.92 -19.51 20.33
CA ILE A 35 -10.61 -19.22 19.67
C ILE A 35 -10.11 -20.54 19.10
N ASP A 36 -9.74 -20.52 17.83
CA ASP A 36 -9.23 -21.72 17.13
C ASP A 36 -7.71 -21.63 17.07
N SER A 37 -7.19 -20.62 16.38
CA SER A 37 -5.76 -20.57 16.02
C SER A 37 -5.30 -19.12 15.88
N LEU A 38 -3.99 -18.93 15.96
CA LEU A 38 -3.28 -17.70 15.57
C LEU A 38 -3.28 -17.60 14.03
N ILE A 39 -3.82 -16.53 13.49
CA ILE A 39 -3.83 -16.25 12.04
C ILE A 39 -2.68 -15.31 11.69
N GLY A 40 -2.28 -14.44 12.63
CA GLY A 40 -1.42 -13.27 12.38
C GLY A 40 -0.89 -12.69 13.68
N LYS A 41 0.28 -12.05 13.59
CA LYS A 41 0.93 -11.29 14.70
C LYS A 41 1.28 -9.88 14.19
N GLY A 42 1.69 -8.99 15.09
CA GLY A 42 1.98 -7.60 14.72
C GLY A 42 2.54 -6.82 15.87
N SER A 43 2.97 -5.59 15.60
CA SER A 43 3.43 -4.66 16.66
C SER A 43 2.21 -4.36 17.56
N PHE A 44 1.01 -4.38 16.96
CA PHE A 44 -0.32 -4.09 17.57
C PHE A 44 -0.80 -5.21 18.49
N GLY A 45 -0.25 -6.41 18.36
CA GLY A 45 -0.74 -7.59 19.09
C GLY A 45 -0.85 -8.79 18.15
N GLN A 46 -2.02 -9.44 18.12
CA GLN A 46 -2.22 -10.64 17.27
C GLN A 46 -3.66 -10.74 16.79
N VAL A 47 -3.85 -11.58 15.76
CA VAL A 47 -5.14 -11.84 15.06
C VAL A 47 -5.39 -13.33 15.19
N VAL A 48 -6.60 -13.72 15.60
CA VAL A 48 -6.92 -15.16 15.80
C VAL A 48 -8.18 -15.52 15.02
N LYS A 49 -8.23 -16.78 14.61
CA LYS A 49 -9.40 -17.43 13.98
C LYS A 49 -10.31 -17.87 15.10
N ALA A 50 -11.54 -17.40 15.09
CA ALA A 50 -12.51 -17.64 16.17
C ALA A 50 -13.88 -17.96 15.59
N TYR A 51 -14.58 -18.93 16.19
CA TYR A 51 -15.96 -19.26 15.80
C TYR A 51 -16.91 -18.33 16.55
N ASP A 52 -17.66 -17.55 15.79
CA ASP A 52 -18.75 -16.71 16.33
C ASP A 52 -20.01 -17.56 16.42
N ARG A 53 -20.39 -17.95 17.64
CA ARG A 53 -21.55 -18.84 17.93
C ARG A 53 -22.87 -18.15 17.60
N VAL A 54 -22.95 -16.83 17.58
CA VAL A 54 -24.24 -16.14 17.31
C VAL A 54 -24.48 -16.17 15.82
N GLU A 55 -23.54 -15.64 15.03
CA GLU A 55 -23.66 -15.51 13.56
C GLU A 55 -23.44 -16.88 12.91
N GLN A 56 -22.80 -17.81 13.63
CA GLN A 56 -22.50 -19.21 13.21
C GLN A 56 -21.64 -19.18 11.96
N GLU A 57 -20.51 -18.48 12.09
CA GLU A 57 -19.53 -18.27 11.02
C GLU A 57 -18.16 -18.14 11.72
N TRP A 58 -17.07 -18.36 10.99
CA TRP A 58 -15.73 -18.02 11.51
C TRP A 58 -15.48 -16.55 11.22
N VAL A 59 -14.75 -15.91 12.14
CA VAL A 59 -14.37 -14.47 12.10
C VAL A 59 -12.88 -14.35 12.44
N ALA A 60 -12.25 -13.26 12.02
CA ALA A 60 -10.88 -12.87 12.43
C ALA A 60 -10.99 -11.84 13.57
N ILE A 61 -10.39 -12.12 14.73
CA ILE A 61 -10.40 -11.14 15.85
C ILE A 61 -8.98 -10.61 16.02
N LYS A 62 -8.82 -9.30 15.74
CA LYS A 62 -7.62 -8.46 16.02
C LYS A 62 -7.62 -8.11 17.51
N ILE A 63 -6.74 -8.75 18.26
CA ILE A 63 -6.61 -8.48 19.72
C ILE A 63 -5.44 -7.55 19.91
N ILE A 64 -5.73 -6.33 20.33
CA ILE A 64 -4.72 -5.29 20.66
C ILE A 64 -4.12 -5.60 22.04
N LYS A 65 -2.81 -5.40 22.19
CA LYS A 65 -2.06 -5.44 23.48
C LYS A 65 -2.72 -4.45 24.47
N ASN A 66 -2.78 -4.80 25.77
CA ASN A 66 -3.20 -3.87 26.86
C ASN A 66 -2.00 -2.99 27.20
N LYS A 67 -1.48 -2.24 26.22
CA LYS A 67 -0.49 -1.15 26.39
C LYS A 67 -1.15 0.14 25.87
N LYS A 68 -1.09 1.21 26.65
CA LYS A 68 -1.78 2.49 26.35
C LYS A 68 -1.60 2.79 24.86
N ALA A 69 -0.38 2.67 24.35
CA ALA A 69 0.01 3.19 23.01
C ALA A 69 -0.79 2.49 21.91
N PHE A 70 -0.89 1.17 21.96
CA PHE A 70 -1.53 0.37 20.88
C PHE A 70 -3.04 0.53 20.98
N LEU A 71 -3.56 0.54 22.19
CA LEU A 71 -5.00 0.79 22.46
C LEU A 71 -5.41 2.14 21.86
N ASN A 72 -4.67 3.20 22.15
CA ASN A 72 -5.00 4.56 21.67
C ASN A 72 -5.01 4.56 20.14
N GLN A 73 -4.03 3.93 19.51
CA GLN A 73 -3.93 3.96 18.03
C GLN A 73 -5.04 3.08 17.47
N ALA A 74 -5.38 1.99 18.14
CA ALA A 74 -6.44 1.05 17.70
C ALA A 74 -7.82 1.70 17.83
N GLN A 75 -8.05 2.50 18.88
CA GLN A 75 -9.31 3.26 19.05
C GLN A 75 -9.52 4.15 17.81
N ILE A 76 -8.43 4.70 17.27
CA ILE A 76 -8.49 5.57 16.06
C ILE A 76 -8.90 4.69 14.87
N GLU A 77 -8.25 3.54 14.73
CA GLU A 77 -8.57 2.53 13.69
C GLU A 77 -10.06 2.18 13.76
N VAL A 78 -10.60 1.88 14.95
CA VAL A 78 -12.04 1.57 15.15
C VAL A 78 -12.88 2.77 14.68
N ARG A 79 -12.46 3.99 14.99
CA ARG A 79 -13.24 5.20 14.67
C ARG A 79 -13.29 5.32 13.15
N LEU A 80 -12.15 5.18 12.49
CA LEU A 80 -12.02 5.30 11.01
C LEU A 80 -12.83 4.18 10.34
N LEU A 81 -12.70 2.96 10.84
CA LEU A 81 -13.41 1.78 10.28
C LEU A 81 -14.91 2.01 10.42
N GLU A 82 -15.38 2.48 11.57
CA GLU A 82 -16.85 2.67 11.78
C GLU A 82 -17.36 3.81 10.90
N LEU A 83 -16.51 4.80 10.64
CA LEU A 83 -16.83 5.95 9.74
C LEU A 83 -17.10 5.43 8.33
N MET A 84 -16.31 4.47 7.88
CA MET A 84 -16.43 3.90 6.52
C MET A 84 -17.72 3.09 6.43
N ASN A 85 -18.10 2.42 7.52
CA ASN A 85 -19.31 1.56 7.56
C ASN A 85 -20.57 2.40 7.39
N LYS A 86 -20.54 3.65 7.82
CA LYS A 86 -21.68 4.60 7.72
C LYS A 86 -21.89 5.06 6.26
N HIS A 87 -21.03 4.66 5.30
CA HIS A 87 -21.11 5.11 3.88
C HIS A 87 -21.40 3.91 2.97
N ASP A 88 -22.65 3.74 2.54
CA ASP A 88 -23.12 2.67 1.61
C ASP A 88 -22.99 3.18 0.16
N THR A 89 -21.95 2.71 -0.53
CA THR A 89 -21.72 2.96 -1.99
C THR A 89 -21.60 1.60 -2.69
N GLU A 90 -20.86 1.56 -3.82
CA GLU A 90 -20.44 0.34 -4.57
C GLU A 90 -18.91 0.17 -4.43
N MET A 91 -18.26 1.03 -3.65
CA MET A 91 -16.78 1.10 -3.49
C MET A 91 -16.37 0.73 -2.07
N LYS A 92 -17.34 0.64 -1.14
CA LYS A 92 -17.07 0.40 0.29
C LYS A 92 -16.64 -1.07 0.51
N TYR A 93 -16.87 -1.97 -0.46
CA TYR A 93 -16.66 -3.44 -0.28
C TYR A 93 -15.31 -3.85 -0.87
N TYR A 94 -14.29 -2.99 -0.75
CA TYR A 94 -12.88 -3.30 -1.11
C TYR A 94 -11.97 -3.19 0.11
N ILE A 95 -12.56 -2.90 1.27
CA ILE A 95 -11.89 -2.72 2.58
C ILE A 95 -12.49 -3.75 3.49
N VAL A 96 -11.66 -4.39 4.30
CA VAL A 96 -12.14 -5.43 5.27
C VAL A 96 -13.26 -4.78 6.07
N HIS A 97 -14.39 -5.45 6.13
CA HIS A 97 -15.58 -4.96 6.87
C HIS A 97 -15.35 -5.25 8.35
N LEU A 98 -15.36 -4.21 9.18
CA LEU A 98 -15.31 -4.38 10.66
C LEU A 98 -16.71 -4.75 11.15
N LYS A 99 -16.89 -5.97 11.62
CA LYS A 99 -18.20 -6.46 12.11
C LYS A 99 -18.56 -5.75 13.41
N ARG A 100 -17.64 -5.77 14.38
CA ARG A 100 -17.82 -5.08 15.68
C ARG A 100 -16.50 -5.11 16.43
N HIS A 101 -16.51 -4.52 17.63
CA HIS A 101 -15.36 -4.43 18.55
C HIS A 101 -15.89 -4.43 19.97
N PHE A 102 -15.03 -4.79 20.91
CA PHE A 102 -15.36 -4.83 22.34
C PHE A 102 -14.06 -4.90 23.11
N MET A 103 -14.14 -4.68 24.43
CA MET A 103 -12.99 -4.79 25.34
C MET A 103 -13.14 -6.09 26.09
N PHE A 104 -12.10 -6.92 26.12
CA PHE A 104 -12.11 -8.19 26.87
C PHE A 104 -10.74 -8.43 27.52
N ARG A 105 -10.71 -8.73 28.82
CA ARG A 105 -9.46 -9.05 29.58
C ARG A 105 -8.49 -7.87 29.36
N ASN A 106 -9.05 -6.67 29.15
CA ASN A 106 -8.32 -5.38 29.14
C ASN A 106 -7.60 -5.17 27.80
N HIS A 107 -7.99 -5.93 26.77
CA HIS A 107 -7.55 -5.86 25.35
C HIS A 107 -8.69 -5.33 24.46
N LEU A 108 -8.45 -4.29 23.66
CA LEU A 108 -9.39 -3.88 22.60
C LEU A 108 -9.37 -4.99 21.55
N CYS A 109 -10.56 -5.42 21.12
CA CYS A 109 -10.79 -6.55 20.20
C CYS A 109 -11.60 -6.06 19.01
N LEU A 110 -11.03 -6.17 17.83
CA LEU A 110 -11.71 -5.81 16.56
C LEU A 110 -12.10 -7.12 15.86
N VAL A 111 -13.39 -7.31 15.55
CA VAL A 111 -13.90 -8.53 14.88
C VAL A 111 -14.11 -8.23 13.41
N PHE A 112 -13.48 -9.01 12.54
CA PHE A 112 -13.54 -8.83 11.07
C PHE A 112 -14.05 -10.11 10.43
N GLU A 113 -14.48 -9.99 9.18
CA GLU A 113 -14.80 -11.14 8.31
C GLU A 113 -13.51 -11.91 8.09
N MET A 114 -13.56 -13.22 7.97
CA MET A 114 -12.34 -13.97 7.62
C MET A 114 -11.96 -13.64 6.17
N LEU A 115 -10.67 -13.45 5.91
CA LEU A 115 -10.13 -13.33 4.54
C LEU A 115 -9.09 -14.45 4.35
N SER A 116 -8.30 -14.40 3.27
CA SER A 116 -7.29 -15.44 2.92
C SER A 116 -5.90 -14.84 2.94
N TYR A 117 -4.98 -15.34 2.13
CA TYR A 117 -3.55 -14.95 2.22
C TYR A 117 -3.31 -13.65 1.47
N ASN A 118 -2.15 -13.06 1.72
CA ASN A 118 -1.84 -11.70 1.25
C ASN A 118 -1.03 -11.79 -0.03
N LEU A 119 -0.95 -10.65 -0.71
CA LEU A 119 -0.36 -10.52 -2.05
C LEU A 119 1.13 -10.80 -1.99
N TYR A 120 1.75 -10.69 -0.82
CA TYR A 120 3.20 -11.01 -0.71
C TYR A 120 3.36 -12.53 -0.80
N ASP A 121 2.50 -13.25 -0.07
CA ASP A 121 2.46 -14.73 -0.06
C ASP A 121 2.16 -15.19 -1.48
N LEU A 122 1.37 -14.44 -2.24
CA LEU A 122 1.04 -14.79 -3.65
C LEU A 122 2.33 -14.68 -4.46
N LEU A 123 3.12 -13.63 -4.25
CA LEU A 123 4.42 -13.45 -4.94
C LEU A 123 5.35 -14.57 -4.51
N ARG A 124 5.47 -14.86 -3.21
CA ARG A 124 6.31 -15.97 -2.68
C ARG A 124 5.96 -17.23 -3.47
N ASN A 125 4.68 -17.47 -3.73
CA ASN A 125 4.18 -18.69 -4.41
C ASN A 125 4.58 -18.70 -5.89
N THR A 126 4.88 -17.56 -6.52
CA THR A 126 5.46 -17.50 -7.90
C THR A 126 6.99 -17.63 -7.84
N ASN A 127 7.59 -17.95 -6.70
CA ASN A 127 9.06 -17.80 -6.48
C ASN A 127 9.52 -16.44 -7.01
N PHE A 128 8.72 -15.41 -6.79
CA PHE A 128 9.07 -13.98 -7.00
C PHE A 128 9.33 -13.74 -8.48
N ARG A 129 8.61 -14.45 -9.36
CA ARG A 129 8.66 -14.29 -10.84
C ARG A 129 7.54 -13.33 -11.27
N GLY A 130 6.60 -13.03 -10.37
CA GLY A 130 5.51 -12.06 -10.60
C GLY A 130 4.29 -12.74 -11.16
N VAL A 131 3.13 -12.07 -11.14
CA VAL A 131 1.88 -12.57 -11.77
C VAL A 131 1.71 -11.87 -13.12
N SER A 132 0.74 -12.33 -13.91
CA SER A 132 0.41 -11.81 -15.25
C SER A 132 -0.06 -10.35 -15.16
N LEU A 133 0.15 -9.62 -16.24
CA LEU A 133 -0.40 -8.25 -16.43
C LEU A 133 -1.92 -8.30 -16.26
N ASN A 134 -2.58 -9.38 -16.65
CA ASN A 134 -4.06 -9.45 -16.56
C ASN A 134 -4.45 -9.49 -15.07
N LEU A 135 -3.75 -10.26 -14.26
CA LEU A 135 -4.09 -10.34 -12.82
C LEU A 135 -3.67 -9.03 -12.13
N THR A 136 -2.51 -8.47 -12.50
CA THR A 136 -2.05 -7.13 -12.05
C THR A 136 -3.16 -6.10 -12.31
N ARG A 137 -3.74 -6.06 -13.51
CA ARG A 137 -4.85 -5.14 -13.86
C ARG A 137 -6.05 -5.32 -12.93
N LYS A 138 -6.48 -6.56 -12.70
CA LYS A 138 -7.62 -6.88 -11.80
C LYS A 138 -7.30 -6.33 -10.40
N PHE A 139 -6.06 -6.45 -9.94
CA PHE A 139 -5.67 -5.95 -8.60
C PHE A 139 -5.71 -4.43 -8.58
N ALA A 140 -5.06 -3.80 -9.57
CA ALA A 140 -5.02 -2.33 -9.77
C ALA A 140 -6.43 -1.75 -9.71
N GLN A 141 -7.38 -2.37 -10.42
CA GLN A 141 -8.75 -1.83 -10.56
C GLN A 141 -9.44 -1.85 -9.19
N GLN A 142 -9.31 -2.95 -8.45
CA GLN A 142 -9.90 -3.05 -7.09
C GLN A 142 -9.23 -2.01 -6.18
N MET A 143 -7.90 -1.96 -6.22
CA MET A 143 -7.05 -1.11 -5.34
C MET A 143 -7.37 0.36 -5.58
N CYS A 144 -7.63 0.74 -6.82
CA CYS A 144 -7.91 2.14 -7.23
C CYS A 144 -9.35 2.50 -6.84
N THR A 145 -10.21 1.49 -6.74
CA THR A 145 -11.63 1.67 -6.38
C THR A 145 -11.69 1.88 -4.88
N ALA A 146 -10.79 1.25 -4.16
CA ALA A 146 -10.71 1.40 -2.69
C ALA A 146 -10.22 2.82 -2.38
N LEU A 147 -9.19 3.26 -3.11
CA LEU A 147 -8.53 4.55 -2.90
C LEU A 147 -9.52 5.66 -3.22
N LEU A 148 -10.36 5.44 -4.22
CA LEU A 148 -11.42 6.39 -4.63
C LEU A 148 -12.42 6.49 -3.48
N PHE A 149 -12.69 5.39 -2.81
CA PHE A 149 -13.69 5.35 -1.72
C PHE A 149 -13.17 6.08 -0.50
N LEU A 150 -11.87 6.02 -0.26
CA LEU A 150 -11.29 6.64 0.94
C LEU A 150 -11.19 8.14 0.70
N ALA A 151 -11.21 8.58 -0.56
CA ALA A 151 -11.11 9.99 -0.98
C ALA A 151 -12.48 10.67 -0.94
N THR A 152 -13.55 9.97 -0.55
CA THR A 152 -14.87 10.65 -0.42
C THR A 152 -14.68 11.74 0.63
N PRO A 153 -14.99 13.01 0.31
CA PRO A 153 -14.62 14.12 1.18
C PRO A 153 -14.85 13.87 2.68
N GLU A 154 -16.04 13.41 3.06
CA GLU A 154 -16.44 13.26 4.51
C GLU A 154 -15.64 12.09 5.15
N LEU A 155 -14.94 11.27 4.35
CA LEU A 155 -13.96 10.27 4.87
C LEU A 155 -12.57 10.89 4.83
N SER A 156 -12.00 11.05 3.63
CA SER A 156 -10.65 11.62 3.40
C SER A 156 -9.61 10.87 4.23
N ILE A 157 -9.64 9.54 4.19
CA ILE A 157 -8.73 8.67 5.00
C ILE A 157 -7.47 8.30 4.19
N ILE A 158 -6.31 8.56 4.78
CA ILE A 158 -4.98 8.13 4.28
C ILE A 158 -4.64 6.83 5.00
N HIS A 159 -4.38 5.77 4.25
CA HIS A 159 -4.03 4.43 4.80
C HIS A 159 -2.67 4.49 5.48
N CYS A 160 -1.68 5.07 4.79
CA CYS A 160 -0.31 5.36 5.27
C CYS A 160 0.54 4.10 5.39
N ASP A 161 0.00 2.91 5.08
CA ASP A 161 0.79 1.64 5.12
C ASP A 161 0.26 0.66 4.07
N LEU A 162 0.01 1.13 2.83
CA LEU A 162 -0.27 0.23 1.68
C LEU A 162 1.00 -0.57 1.37
N LYS A 163 0.88 -1.90 1.39
CA LYS A 163 1.95 -2.82 0.95
C LYS A 163 1.32 -4.19 0.65
N PRO A 164 2.02 -5.06 -0.11
CA PRO A 164 1.44 -6.36 -0.48
C PRO A 164 0.87 -7.10 0.73
N GLU A 165 1.53 -6.99 1.88
CA GLU A 165 1.21 -7.74 3.12
C GLU A 165 -0.14 -7.27 3.72
N ASN A 166 -0.58 -6.05 3.40
CA ASN A 166 -1.85 -5.46 3.92
C ASN A 166 -2.94 -5.51 2.86
N ILE A 167 -2.75 -6.28 1.78
CA ILE A 167 -3.80 -6.58 0.76
C ILE A 167 -4.01 -8.10 0.77
N LEU A 168 -5.23 -8.51 1.14
CA LEU A 168 -5.57 -9.92 1.36
C LEU A 168 -6.52 -10.40 0.24
N LEU A 169 -6.36 -11.64 -0.22
CA LEU A 169 -7.36 -12.33 -1.06
C LEU A 169 -8.59 -12.63 -0.21
N CYS A 170 -9.78 -12.42 -0.76
CA CYS A 170 -11.08 -12.77 -0.10
C CYS A 170 -11.25 -14.30 -0.02
N ASN A 171 -10.57 -15.03 -0.90
CA ASN A 171 -10.85 -16.46 -1.20
C ASN A 171 -9.65 -17.02 -1.96
N PRO A 172 -9.00 -18.09 -1.45
CA PRO A 172 -7.75 -18.56 -2.06
C PRO A 172 -7.87 -18.96 -3.54
N LYS A 173 -9.09 -19.21 -4.04
CA LYS A 173 -9.38 -19.60 -5.47
C LYS A 173 -9.45 -18.34 -6.35
N ARG A 174 -9.84 -17.20 -5.79
CA ARG A 174 -10.30 -16.01 -6.54
C ARG A 174 -9.27 -14.87 -6.48
N SER A 175 -9.47 -13.84 -7.30
CA SER A 175 -8.59 -12.66 -7.40
C SER A 175 -9.26 -11.44 -6.76
N ALA A 176 -10.33 -11.61 -6.01
CA ALA A 176 -10.92 -10.53 -5.20
C ALA A 176 -9.99 -10.21 -4.03
N ILE A 177 -9.75 -8.94 -3.76
CA ILE A 177 -8.82 -8.51 -2.69
C ILE A 177 -9.52 -7.47 -1.80
N LYS A 178 -9.02 -7.31 -0.59
CA LYS A 178 -9.50 -6.27 0.37
C LYS A 178 -8.30 -5.70 1.10
N ILE A 179 -8.37 -4.44 1.46
CA ILE A 179 -7.28 -3.76 2.21
C ILE A 179 -7.58 -3.97 3.68
N VAL A 180 -6.53 -4.11 4.48
CA VAL A 180 -6.59 -4.31 5.95
C VAL A 180 -5.56 -3.38 6.62
N ASP A 181 -5.59 -3.35 7.96
CA ASP A 181 -4.64 -2.61 8.84
C ASP A 181 -4.80 -1.10 8.64
N PHE A 182 -5.66 -0.49 9.46
CA PHE A 182 -5.85 0.97 9.46
C PHE A 182 -5.23 1.52 10.75
N GLY A 183 -4.18 0.82 11.21
CA GLY A 183 -3.44 1.15 12.45
C GLY A 183 -2.53 2.37 12.31
N SER A 184 -2.16 2.76 11.09
CA SER A 184 -1.34 3.96 10.81
C SER A 184 -2.20 5.04 10.16
N SER A 185 -3.46 4.71 9.91
CA SER A 185 -4.35 5.56 9.08
C SER A 185 -4.78 6.77 9.89
N CYS A 186 -4.96 7.90 9.22
CA CYS A 186 -5.43 9.19 9.77
C CYS A 186 -6.25 9.90 8.68
N GLN A 187 -7.26 10.68 9.07
CA GLN A 187 -8.00 11.56 8.12
C GLN A 187 -7.10 12.70 7.71
N LEU A 188 -7.44 13.36 6.62
CA LEU A 188 -6.71 14.57 6.17
C LEU A 188 -6.82 15.59 7.31
N GLY A 189 -5.70 16.21 7.68
CA GLY A 189 -5.63 17.16 8.80
C GLY A 189 -5.92 16.53 10.17
N GLN A 190 -5.70 15.23 10.35
CA GLN A 190 -5.57 14.58 11.69
C GLN A 190 -4.24 13.83 11.78
N ARG A 191 -3.22 14.24 11.00
CA ARG A 191 -1.89 13.58 10.93
C ARG A 191 -1.27 13.53 12.32
N ILE A 192 -0.60 12.44 12.67
CA ILE A 192 0.12 12.37 13.97
C ILE A 192 1.60 12.30 13.70
N TYR A 193 2.05 11.33 12.90
CA TYR A 193 3.50 11.04 12.73
C TYR A 193 3.97 11.58 11.39
N GLN A 194 5.24 12.03 11.33
CA GLN A 194 5.99 12.40 10.09
C GLN A 194 6.57 11.13 9.46
N PTR A 195 7.03 10.20 10.29
CA PTR A 195 7.57 8.94 9.82
C PTR A 195 6.46 7.90 9.67
O PTR A 195 6.23 7.08 10.56
CB PTR A 195 8.59 8.43 10.84
CG PTR A 195 9.60 7.46 10.30
CD1 PTR A 195 9.54 6.11 10.62
CD2 PTR A 195 10.64 7.93 9.55
CE1 PTR A 195 10.52 5.23 10.19
CE2 PTR A 195 11.63 7.08 9.10
CZ PTR A 195 11.56 5.73 9.43
OH PTR A 195 12.61 4.93 8.92
P PTR A 195 12.53 3.40 8.66
O1P PTR A 195 12.94 2.72 9.94
O2P PTR A 195 11.16 2.94 8.23
O3P PTR A 195 13.55 3.22 7.56
N ILE A 196 5.78 7.91 8.52
CA ILE A 196 4.74 6.94 8.22
C ILE A 196 5.17 6.15 6.98
N GLN A 197 4.39 5.10 6.63
CA GLN A 197 4.51 4.18 5.46
C GLN A 197 5.68 3.23 5.61
N SER A 198 5.54 2.02 5.06
CA SER A 198 6.62 1.01 4.94
C SER A 198 7.69 1.56 3.99
N ARG A 199 8.96 1.39 4.35
CA ARG A 199 10.06 2.09 3.65
C ARG A 199 9.93 1.89 2.14
N PHE A 200 9.83 0.66 1.63
CA PHE A 200 9.88 0.42 0.16
C PHE A 200 8.75 1.19 -0.52
N TYR A 201 7.64 1.40 0.18
CA TYR A 201 6.40 1.98 -0.37
C TYR A 201 6.27 3.44 0.06
N ARG A 202 7.26 3.97 0.76
CA ARG A 202 7.21 5.36 1.30
C ARG A 202 7.36 6.36 0.14
N SER A 203 6.41 7.29 0.07
CA SER A 203 6.37 8.35 -0.97
C SER A 203 7.52 9.31 -0.73
N PRO A 204 7.97 10.06 -1.75
CA PRO A 204 9.03 11.07 -1.59
C PRO A 204 8.68 12.18 -0.58
N GLU A 205 7.46 12.71 -0.68
CA GLU A 205 6.95 13.77 0.23
C GLU A 205 7.19 13.35 1.68
N VAL A 206 7.03 12.08 2.01
CA VAL A 206 7.12 11.62 3.42
C VAL A 206 8.59 11.40 3.76
N LEU A 207 9.41 11.03 2.77
CA LEU A 207 10.89 10.95 2.93
C LEU A 207 11.44 12.35 3.17
N LEU A 208 10.92 13.35 2.44
CA LEU A 208 11.36 14.77 2.44
C LEU A 208 10.77 15.55 3.62
N GLY A 209 10.06 14.85 4.52
CA GLY A 209 9.57 15.42 5.80
C GLY A 209 8.48 16.45 5.59
N MET A 210 7.74 16.38 4.49
CA MET A 210 6.69 17.35 4.12
C MET A 210 5.34 16.79 4.56
N PRO A 211 4.32 17.68 4.71
CA PRO A 211 2.95 17.28 5.06
C PRO A 211 2.29 16.43 3.95
N TYR A 212 1.67 15.30 4.31
CA TYR A 212 1.24 14.29 3.33
C TYR A 212 -0.28 14.32 3.12
N ASP A 213 -0.72 13.82 1.97
CA ASP A 213 -2.11 13.77 1.45
C ASP A 213 -2.57 12.32 1.34
N LEU A 214 -3.70 12.10 0.66
CA LEU A 214 -4.17 10.77 0.19
C LEU A 214 -3.29 10.31 -0.99
N ALA A 215 -2.55 11.22 -1.62
CA ALA A 215 -1.64 10.92 -2.74
C ALA A 215 -0.50 9.99 -2.31
N ILE A 216 -0.13 9.90 -1.04
CA ILE A 216 0.98 8.97 -0.65
C ILE A 216 0.56 7.52 -0.89
N ASP A 217 -0.74 7.19 -0.83
CA ASP A 217 -1.25 5.82 -1.08
C ASP A 217 -1.16 5.48 -2.58
N MET A 218 -1.40 6.47 -3.45
CA MET A 218 -1.28 6.25 -4.90
C MET A 218 0.19 5.96 -5.24
N TRP A 219 1.12 6.64 -4.57
CA TRP A 219 2.58 6.38 -4.71
C TRP A 219 2.85 4.90 -4.38
N SER A 220 2.41 4.49 -3.19
CA SER A 220 2.55 3.11 -2.67
C SER A 220 1.95 2.12 -3.68
N LEU A 221 0.75 2.42 -4.21
CA LEU A 221 0.00 1.50 -5.12
C LEU A 221 0.84 1.23 -6.37
N GLY A 222 1.39 2.30 -6.97
CA GLY A 222 2.30 2.22 -8.12
C GLY A 222 3.47 1.27 -7.84
N CYS A 223 4.13 1.43 -6.70
CA CYS A 223 5.27 0.58 -6.27
C CYS A 223 4.82 -0.88 -6.19
N ILE A 224 3.61 -1.12 -5.68
CA ILE A 224 3.07 -2.48 -5.43
C ILE A 224 2.77 -3.13 -6.78
N LEU A 225 2.10 -2.41 -7.66
CA LEU A 225 1.63 -2.95 -8.96
C LEU A 225 2.84 -3.42 -9.77
N VAL A 226 3.91 -2.65 -9.79
CA VAL A 226 5.16 -3.05 -10.50
C VAL A 226 5.64 -4.35 -9.84
N GLU A 227 5.84 -4.33 -8.53
CA GLU A 227 6.37 -5.48 -7.75
C GLU A 227 5.49 -6.70 -8.03
N MET A 228 4.17 -6.55 -8.13
CA MET A 228 3.25 -7.69 -8.34
C MET A 228 3.59 -8.36 -9.66
N HIS A 229 4.00 -7.58 -10.65
CA HIS A 229 4.25 -8.07 -12.03
C HIS A 229 5.68 -8.56 -12.20
N THR A 230 6.67 -7.94 -11.56
CA THR A 230 8.11 -8.29 -11.71
C THR A 230 8.53 -9.29 -10.63
N GLY A 231 7.82 -9.31 -9.50
CA GLY A 231 8.07 -10.22 -8.35
C GLY A 231 9.00 -9.60 -7.32
N GLU A 232 9.71 -8.52 -7.66
CA GLU A 232 10.71 -7.82 -6.80
C GLU A 232 10.23 -6.41 -6.46
N PRO A 233 10.51 -5.87 -5.25
CA PRO A 233 10.14 -4.50 -4.93
C PRO A 233 10.78 -3.54 -5.94
N LEU A 234 10.04 -2.51 -6.38
CA LEU A 234 10.54 -1.50 -7.35
C LEU A 234 11.69 -0.72 -6.72
N PHE A 235 11.56 -0.30 -5.46
CA PHE A 235 12.56 0.53 -4.72
C PHE A 235 12.80 -0.05 -3.33
N SER A 236 13.81 -0.90 -3.18
CA SER A 236 14.10 -1.61 -1.91
C SER A 236 15.27 -0.95 -1.19
N GLY A 237 15.05 0.26 -0.67
CA GLY A 237 16.02 0.97 0.19
C GLY A 237 16.30 0.22 1.48
N ALA A 238 17.56 0.19 1.93
CA ALA A 238 17.98 -0.39 3.23
C ALA A 238 17.91 0.72 4.30
N ASN A 239 17.74 1.96 3.85
CA ASN A 239 17.57 3.14 4.74
C ASN A 239 16.95 4.26 3.91
N GLU A 240 16.56 5.35 4.56
CA GLU A 240 15.84 6.45 3.87
C GLU A 240 16.73 6.95 2.73
N VAL A 241 18.03 7.15 2.99
CA VAL A 241 18.98 7.68 1.98
C VAL A 241 19.00 6.70 0.78
N ASP A 242 19.25 5.42 1.04
CA ASP A 242 19.30 4.33 0.02
C ASP A 242 18.00 4.37 -0.79
N GLN A 243 16.86 4.44 -0.09
CA GLN A 243 15.49 4.48 -0.66
C GLN A 243 15.37 5.60 -1.69
N MET A 244 15.64 6.85 -1.30
CA MET A 244 15.51 8.03 -2.19
C MET A 244 16.49 7.91 -3.37
N ASN A 245 17.68 7.32 -3.15
CA ASN A 245 18.68 7.16 -4.23
C ASN A 245 18.15 6.16 -5.28
N LYS A 246 17.51 5.07 -4.85
CA LYS A 246 16.93 4.03 -5.75
C LYS A 246 15.75 4.60 -6.54
N ILE A 247 15.07 5.61 -5.98
CA ILE A 247 13.90 6.30 -6.64
C ILE A 247 14.45 7.25 -7.71
N VAL A 248 15.55 7.92 -7.40
CA VAL A 248 16.17 8.96 -8.25
C VAL A 248 16.77 8.26 -9.48
N GLU A 249 17.30 7.03 -9.29
CA GLU A 249 17.81 6.16 -10.39
C GLU A 249 16.76 6.04 -11.49
N VAL A 250 15.49 6.00 -11.12
CA VAL A 250 14.36 5.65 -12.02
C VAL A 250 13.66 6.93 -12.46
N LEU A 251 13.47 7.90 -11.57
CA LEU A 251 12.60 9.06 -11.87
C LEU A 251 13.38 10.37 -11.91
N GLY A 252 14.67 10.33 -11.60
CA GLY A 252 15.56 11.50 -11.74
C GLY A 252 15.45 12.42 -10.56
N ILE A 253 15.98 13.64 -10.68
CA ILE A 253 15.98 14.64 -9.57
C ILE A 253 14.54 15.14 -9.43
N PRO A 254 14.04 15.25 -8.19
CA PRO A 254 12.71 15.81 -7.95
C PRO A 254 12.67 17.27 -8.40
N PRO A 255 11.50 17.83 -8.77
CA PRO A 255 11.41 19.23 -9.16
C PRO A 255 11.90 20.19 -8.07
N ALA A 256 12.60 21.25 -8.49
CA ALA A 256 13.18 22.30 -7.63
C ALA A 256 12.12 22.86 -6.70
N HIS A 257 10.92 23.16 -7.25
CA HIS A 257 9.79 23.78 -6.50
C HIS A 257 9.42 22.90 -5.30
N ILE A 258 9.57 21.57 -5.41
CA ILE A 258 9.31 20.60 -4.31
C ILE A 258 10.47 20.69 -3.31
N LEU A 259 11.72 20.64 -3.77
CA LEU A 259 12.89 20.56 -2.83
C LEU A 259 13.02 21.87 -2.05
N ASP A 260 12.61 22.98 -2.67
CA ASP A 260 12.63 24.32 -2.04
C ASP A 260 11.68 24.39 -0.85
N GLN A 261 10.61 23.60 -0.82
CA GLN A 261 9.57 23.65 0.25
CA GLN A 261 9.56 23.66 0.25
C GLN A 261 9.72 22.45 1.19
N ALA A 262 10.83 21.70 1.07
CA ALA A 262 11.02 20.39 1.74
C ALA A 262 11.94 20.50 2.94
N PRO A 263 11.42 20.33 4.18
CA PRO A 263 12.24 20.37 5.38
C PRO A 263 13.51 19.50 5.33
N LYS A 264 13.47 18.36 4.64
CA LYS A 264 14.58 17.36 4.67
C LYS A 264 15.19 17.18 3.27
N ALA A 265 15.04 18.18 2.39
CA ALA A 265 15.65 18.17 1.04
C ALA A 265 17.15 17.87 1.17
N ARG A 266 17.80 18.46 2.18
CA ARG A 266 19.27 18.45 2.35
C ARG A 266 19.75 17.17 3.05
N LYS A 267 18.86 16.17 3.20
CA LYS A 267 19.26 14.84 3.69
C LYS A 267 19.74 14.00 2.50
N PHE A 268 19.34 14.40 1.29
CA PHE A 268 19.54 13.59 0.06
C PHE A 268 20.15 14.45 -1.06
N PHE A 269 19.88 15.75 -1.10
CA PHE A 269 20.21 16.67 -2.22
C PHE A 269 20.97 17.91 -1.73
N GLU A 270 21.45 18.72 -2.68
CA GLU A 270 22.23 19.97 -2.45
C GLU A 270 21.80 21.00 -3.49
N LYS A 271 21.58 22.25 -3.05
CA LYS A 271 21.14 23.34 -3.97
C LYS A 271 22.40 24.04 -4.49
N LEU A 272 22.31 24.62 -5.69
CA LEU A 272 23.47 25.22 -6.41
C LEU A 272 23.23 26.69 -6.69
N PRO A 273 24.29 27.46 -6.99
CA PRO A 273 24.16 28.89 -7.25
C PRO A 273 22.84 29.27 -7.92
N ASP A 274 22.52 28.59 -9.02
CA ASP A 274 21.48 28.96 -10.02
C ASP A 274 20.11 28.39 -9.61
N GLY A 275 19.97 27.92 -8.36
CA GLY A 275 18.72 27.37 -7.80
C GLY A 275 18.35 26.01 -8.36
N THR A 276 19.34 25.18 -8.70
CA THR A 276 19.18 23.79 -9.21
C THR A 276 19.67 22.81 -8.15
N TRP A 277 19.23 21.55 -8.23
CA TRP A 277 19.52 20.52 -7.19
C TRP A 277 20.25 19.32 -7.80
N ASN A 278 21.09 18.67 -6.99
CA ASN A 278 21.83 17.42 -7.31
C ASN A 278 21.79 16.49 -6.10
N LEU A 279 22.33 15.29 -6.23
CA LEU A 279 22.44 14.33 -5.10
C LEU A 279 23.65 14.72 -4.24
N LYS A 280 23.50 14.69 -2.91
CA LYS A 280 24.60 14.46 -1.93
C LYS A 280 25.22 13.10 -2.27
N LYS A 281 26.55 13.01 -2.41
CA LYS A 281 27.23 11.71 -2.71
C LYS A 281 27.90 11.21 -1.43
N THR A 282 28.12 9.88 -1.30
CA THR A 282 29.07 9.26 -0.32
C THR A 282 29.87 8.13 -1.00
N LYS A 283 30.64 7.36 -0.22
CA LYS A 283 31.65 6.36 -0.70
C LYS A 283 31.01 5.41 -1.71
N ASP A 284 31.57 5.36 -2.92
CA ASP A 284 31.03 4.58 -4.08
C ASP A 284 30.78 3.13 -3.66
N GLU A 288 27.48 2.15 -5.43
CA GLU A 288 27.35 2.84 -6.74
C GLU A 288 25.90 2.69 -7.24
N TYR A 289 25.29 3.74 -7.81
CA TYR A 289 23.93 3.72 -8.43
C TYR A 289 24.02 4.18 -9.88
N LYS A 290 23.11 3.70 -10.72
CA LYS A 290 22.94 4.19 -12.11
C LYS A 290 22.53 5.66 -12.00
N PRO A 291 23.10 6.56 -12.84
CA PRO A 291 22.81 8.00 -12.75
C PRO A 291 21.34 8.38 -12.88
N PRO A 292 20.92 9.49 -12.24
CA PRO A 292 19.53 9.94 -12.24
C PRO A 292 18.70 9.77 -13.52
N GLY A 293 17.61 8.99 -13.42
CA GLY A 293 16.60 8.82 -14.47
C GLY A 293 17.01 7.81 -15.54
N THR A 294 18.11 7.07 -15.35
CA THR A 294 18.70 6.17 -16.37
C THR A 294 18.26 4.72 -16.16
N ARG A 295 17.83 4.35 -14.94
CA ARG A 295 17.20 3.02 -14.67
C ARG A 295 15.73 3.12 -15.08
N LYS A 296 15.48 2.91 -16.36
CA LYS A 296 14.17 3.20 -16.99
C LYS A 296 13.17 2.11 -16.60
N LEU A 297 11.94 2.51 -16.27
CA LEU A 297 10.83 1.61 -15.87
C LEU A 297 10.56 0.61 -17.00
N HIS A 298 10.70 1.05 -18.26
CA HIS A 298 10.37 0.21 -19.43
C HIS A 298 11.29 -1.02 -19.44
N ASN A 299 12.54 -0.88 -18.99
CA ASN A 299 13.53 -1.99 -18.88
C ASN A 299 13.19 -2.84 -17.67
N ILE A 300 12.81 -2.16 -16.59
CA ILE A 300 12.38 -2.80 -15.32
C ILE A 300 11.17 -3.70 -15.61
N LEU A 301 10.22 -3.17 -16.39
CA LEU A 301 8.96 -3.87 -16.79
C LEU A 301 9.22 -4.82 -17.96
N GLY A 302 10.30 -4.58 -18.71
CA GLY A 302 10.61 -5.25 -19.99
C GLY A 302 9.54 -5.03 -21.05
N VAL A 303 9.15 -3.78 -21.33
CA VAL A 303 8.04 -3.46 -22.27
C VAL A 303 8.34 -4.16 -23.60
N GLU A 304 9.42 -3.72 -24.26
CA GLU A 304 9.77 -4.18 -25.63
C GLU A 304 10.83 -5.29 -25.56
N THR A 305 11.00 -5.96 -24.41
CA THR A 305 11.95 -7.08 -24.24
C THR A 305 11.22 -8.32 -23.69
N GLY A 306 9.90 -8.40 -23.89
CA GLY A 306 9.05 -9.56 -23.51
C GLY A 306 8.84 -9.66 -22.02
N GLY A 307 8.54 -8.54 -21.35
CA GLY A 307 8.21 -8.48 -19.91
C GLY A 307 9.41 -8.70 -18.98
N PRO A 308 9.17 -8.76 -17.64
CA PRO A 308 10.24 -8.87 -16.63
C PRO A 308 11.17 -10.09 -16.82
N GLY A 309 12.48 -9.83 -16.93
CA GLY A 309 13.53 -10.79 -17.31
C GLY A 309 13.17 -11.58 -18.57
N GLY A 310 12.46 -10.96 -19.53
CA GLY A 310 12.03 -11.55 -20.82
C GLY A 310 11.12 -12.78 -20.69
N ARG A 311 10.58 -13.06 -19.49
CA ARG A 311 9.89 -14.33 -19.12
C ARG A 311 8.51 -14.43 -19.79
N ARG A 312 7.97 -13.32 -20.31
CA ARG A 312 6.59 -13.18 -20.85
C ARG A 312 6.60 -13.08 -22.38
N ALA A 313 7.73 -13.38 -23.03
CA ALA A 313 7.89 -13.37 -24.51
C ALA A 313 6.89 -14.35 -25.14
N GLY A 314 5.91 -13.84 -25.89
CA GLY A 314 4.92 -14.67 -26.63
C GLY A 314 3.67 -15.01 -25.83
N GLU A 315 3.63 -14.71 -24.52
CA GLU A 315 2.40 -14.89 -23.69
C GLU A 315 1.36 -13.83 -24.08
N SER A 316 0.08 -14.21 -24.20
CA SER A 316 -1.05 -13.32 -24.61
C SER A 316 -1.43 -12.38 -23.45
N GLY A 317 -2.15 -11.30 -23.75
CA GLY A 317 -2.48 -10.21 -22.81
C GLY A 317 -1.23 -9.45 -22.38
N HIS A 318 -0.10 -9.67 -23.04
CA HIS A 318 1.22 -9.03 -22.75
C HIS A 318 1.75 -8.45 -24.05
N THR A 319 0.89 -7.84 -24.88
CA THR A 319 1.27 -7.10 -26.12
C THR A 319 2.05 -5.86 -25.70
N VAL A 320 2.94 -5.36 -26.55
CA VAL A 320 3.74 -4.14 -26.22
C VAL A 320 2.76 -2.98 -25.92
N ALA A 321 1.63 -2.91 -26.65
CA ALA A 321 0.58 -1.88 -26.46
C ALA A 321 0.01 -1.95 -25.03
N ASP A 322 -0.32 -3.16 -24.55
CA ASP A 322 -0.77 -3.46 -23.16
C ASP A 322 0.29 -2.96 -22.15
N TYR A 323 1.56 -3.31 -22.35
CA TYR A 323 2.68 -2.95 -21.44
C TYR A 323 2.84 -1.43 -21.40
N LEU A 324 2.67 -0.75 -22.53
CA LEU A 324 2.94 0.71 -22.61
C LEU A 324 1.88 1.46 -21.83
N LYS A 325 0.64 0.98 -21.90
CA LYS A 325 -0.50 1.57 -21.15
C LYS A 325 -0.21 1.43 -19.65
N PHE A 326 0.14 0.23 -19.21
CA PHE A 326 0.56 -0.04 -17.81
C PHE A 326 1.71 0.90 -17.43
N LYS A 327 2.72 1.04 -18.27
CA LYS A 327 3.89 1.91 -17.99
C LYS A 327 3.40 3.36 -17.82
N ASP A 328 2.56 3.83 -18.73
CA ASP A 328 2.02 5.21 -18.67
C ASP A 328 1.28 5.40 -17.32
N LEU A 329 0.45 4.44 -16.90
CA LEU A 329 -0.37 4.58 -15.66
C LEU A 329 0.55 4.62 -14.44
N ILE A 330 1.58 3.77 -14.41
CA ILE A 330 2.51 3.68 -13.25
C ILE A 330 3.27 4.99 -13.12
N LEU A 331 3.63 5.65 -14.22
CA LEU A 331 4.41 6.90 -14.14
C LEU A 331 3.51 8.05 -13.68
N ARG A 332 2.20 7.89 -13.82
CA ARG A 332 1.20 8.86 -13.31
C ARG A 332 1.08 8.68 -11.80
N MET A 333 1.22 7.45 -11.31
CA MET A 333 1.20 7.11 -9.87
C MET A 333 2.53 7.50 -9.22
N LEU A 334 3.63 7.56 -9.98
CA LEU A 334 4.96 7.92 -9.43
C LEU A 334 5.34 9.34 -9.83
N ASP A 335 4.36 10.24 -9.89
CA ASP A 335 4.62 11.68 -10.10
C ASP A 335 5.24 12.15 -8.78
N TYR A 336 6.32 12.91 -8.86
CA TYR A 336 7.00 13.48 -7.68
C TYR A 336 6.04 14.42 -6.97
N ASP A 337 5.41 15.30 -7.75
CA ASP A 337 4.43 16.30 -7.27
C ASP A 337 3.14 15.58 -6.90
N PRO A 338 2.75 15.58 -5.60
CA PRO A 338 1.51 14.92 -5.19
C PRO A 338 0.27 15.71 -5.57
N LYS A 339 0.43 16.96 -5.99
CA LYS A 339 -0.70 17.82 -6.38
C LYS A 339 -1.06 17.47 -7.84
N THR A 340 -0.12 16.98 -8.63
CA THR A 340 -0.41 16.55 -10.04
C THR A 340 -0.35 15.03 -10.16
N ARG A 341 0.07 14.32 -9.12
CA ARG A 341 0.04 12.83 -9.15
C ARG A 341 -1.41 12.36 -9.37
N ILE A 342 -1.59 11.31 -10.16
CA ILE A 342 -2.91 10.81 -10.64
C ILE A 342 -3.80 10.43 -9.45
N GLN A 343 -4.97 11.04 -9.36
CA GLN A 343 -5.96 10.76 -8.27
C GLN A 343 -6.76 9.54 -8.71
N PRO A 344 -7.46 8.80 -7.82
CA PRO A 344 -8.08 7.50 -8.13
C PRO A 344 -9.14 7.38 -9.23
N TYR A 345 -10.08 8.33 -9.27
CA TYR A 345 -11.14 8.39 -10.30
C TYR A 345 -10.47 8.43 -11.68
N TYR A 346 -9.41 9.21 -11.82
CA TYR A 346 -8.74 9.42 -13.12
C TYR A 346 -7.80 8.25 -13.40
N ALA A 347 -7.50 7.42 -12.42
CA ALA A 347 -6.71 6.18 -12.64
C ALA A 347 -7.64 5.08 -13.16
N LEU A 348 -8.92 5.11 -12.76
CA LEU A 348 -9.93 4.15 -13.27
C LEU A 348 -10.34 4.50 -14.71
N GLN A 349 -10.09 5.73 -15.17
CA GLN A 349 -10.42 6.18 -16.57
C GLN A 349 -9.26 5.85 -17.52
N HIS A 350 -8.12 5.41 -17.02
CA HIS A 350 -6.91 5.17 -17.84
C HIS A 350 -7.17 4.06 -18.86
N SER A 351 -6.50 4.15 -20.00
CA SER A 351 -6.66 3.19 -21.11
C SER A 351 -6.25 1.79 -20.64
N PHE A 352 -5.39 1.69 -19.63
CA PHE A 352 -4.92 0.38 -19.13
C PHE A 352 -6.12 -0.43 -18.67
N PHE A 353 -7.24 0.21 -18.37
CA PHE A 353 -8.45 -0.49 -17.85
C PHE A 353 -9.52 -0.60 -18.94
N LYS A 354 -9.25 -0.20 -20.18
CA LYS A 354 -10.25 -0.23 -21.29
C LYS A 354 -10.14 -1.59 -22.01
N LYS A 355 -11.27 -2.32 -22.11
CA LYS A 355 -11.37 -3.72 -22.65
C LYS A 355 -11.89 -3.67 -24.09
C1 RKQ B . -6.83 -14.61 7.38
N1 RKQ B . -8.43 -12.75 7.81
O1 RKQ B . -2.90 -11.38 9.26
C2 RKQ B . -7.20 -13.23 7.81
N2 RKQ B . -6.53 -10.00 9.00
C3 RKQ B . -8.32 -11.44 8.27
N3 RKQ B . -6.27 -12.29 8.26
C4 RKQ B . -9.25 -10.44 8.48
N4 RKQ B . -3.80 -6.23 10.94
C5 RKQ B . -8.81 -9.23 8.95
N5 RKQ B . -5.83 -5.29 10.56
C6 RKQ B . -7.44 -9.04 9.24
N6 RKQ B . -7.84 -4.24 10.18
C7 RKQ B . -6.98 -11.16 8.56
C8 RKQ B . -4.82 -12.38 8.36
C9 RKQ B . -4.27 -11.57 9.50
C10 RKQ B . -2.44 -10.08 9.29
C11 RKQ B . -2.62 -9.27 8.18
C12 RKQ B . -2.14 -7.97 8.22
C13 RKQ B . -1.48 -7.51 9.33
C14 RKQ B . -1.30 -8.35 10.43
C15 RKQ B . -1.78 -9.64 10.42
C16 RKQ B . -6.88 -7.74 9.72
C17 RKQ B . -5.56 -7.64 10.12
C18 RKQ B . -5.06 -6.39 10.54
C19 RKQ B . -7.10 -5.38 10.16
C20 RKQ B . -7.66 -6.59 9.72
CL CL C . 3.16 3.67 9.28
CL CL D . 7.70 -6.98 0.78
#